data_9J5S
#
_entry.id   9J5S
#
_cell.length_a   90.506
_cell.length_b   71.450
_cell.length_c   53.517
_cell.angle_alpha   90.00
_cell.angle_beta   95.64
_cell.angle_gamma   90.00
#
_symmetry.space_group_name_H-M   'C 1 2 1'
#
loop_
_entity.id
_entity.type
_entity.pdbx_description
1 polymer 'Ras GTPase-activating protein-binding protein 1'
2 polymer 'Polyprotein P1234'
#
loop_
_entity_poly.entity_id
_entity_poly.type
_entity_poly.pdbx_seq_one_letter_code
_entity_poly.pdbx_strand_id
1 'polypeptide(L)'
;GASMVMEKPSPLLVGREFVRQYYTLLNQAPDMLHRFYGKNSSYVHGGLDSNGKPADAVYGQKEIHRKVMSQNFTNCHTKI
RHVDAHATLNDGVVVQVMGLLSNNNQALRRFMQTFVLAPEGSVANKFYVHNDIFRYQDEVF
;
A,B
2 'polypeptide(L)' ITFGDFNDGEIESLSSELLTFGDFLP C,D
#
# COMPACT_ATOMS: atom_id res chain seq x y z
N SER A 3 1.58 10.18 35.76
CA SER A 3 1.46 11.51 36.35
C SER A 3 1.13 12.55 35.27
N MET A 4 2.04 12.70 34.31
CA MET A 4 1.76 13.48 33.11
C MET A 4 0.91 12.69 32.12
N VAL A 5 -0.08 13.36 31.52
CA VAL A 5 -0.91 12.79 30.47
C VAL A 5 -0.65 13.54 29.17
N MET A 6 -0.34 12.82 28.10
CA MET A 6 -0.08 13.45 26.82
C MET A 6 -1.07 12.99 25.75
N GLU A 7 -1.22 13.85 24.74
CA GLU A 7 -2.10 13.57 23.59
C GLU A 7 -1.70 12.26 22.92
N LYS A 8 -2.71 11.53 22.46
CA LYS A 8 -2.45 10.21 21.85
C LYS A 8 -1.75 10.40 20.52
N PRO A 9 -0.95 9.43 20.05
CA PRO A 9 -0.21 9.61 18.83
C PRO A 9 -1.09 9.71 17.59
N SER A 10 -0.61 10.48 16.61
CA SER A 10 -1.39 10.72 15.38
C SER A 10 -1.17 9.56 14.42
N PRO A 11 -2.08 9.19 13.50
CA PRO A 11 -1.77 8.16 12.51
C PRO A 11 -0.37 8.33 11.90
N LEU A 12 0.03 9.57 11.56
CA LEU A 12 1.40 9.65 11.04
C LEU A 12 2.41 9.25 12.10
N LEU A 13 2.18 9.64 13.36
CA LEU A 13 3.14 9.25 14.39
C LEU A 13 3.04 7.77 14.69
N VAL A 14 1.82 7.22 14.74
CA VAL A 14 1.68 5.77 14.96
C VAL A 14 2.43 5.01 13.88
N GLY A 15 2.29 5.46 12.62
CA GLY A 15 2.90 4.76 11.50
C GLY A 15 4.42 4.76 11.53
N ARG A 16 5.04 5.93 11.69
CA ARG A 16 6.51 5.96 11.74
C ARG A 16 7.02 5.18 12.94
N GLU A 17 6.26 5.10 14.02
CA GLU A 17 6.79 4.41 15.19
C GLU A 17 6.67 2.90 15.02
N PHE A 18 5.66 2.43 14.29
CA PHE A 18 5.66 1.03 13.91
C PHE A 18 6.82 0.71 12.98
N VAL A 19 7.01 1.50 11.92
CA VAL A 19 8.10 1.22 10.99
C VAL A 19 9.43 1.21 11.72
N ARG A 20 9.57 2.05 12.75
CA ARG A 20 10.78 2.05 13.56
C ARG A 20 10.91 0.76 14.36
N GLN A 21 9.85 0.38 15.07
CA GLN A 21 9.85 -0.84 15.86
C GLN A 21 10.06 -2.07 14.99
N TYR A 22 9.46 -2.08 13.79
CA TYR A 22 9.51 -3.25 12.92
C TYR A 22 10.93 -3.57 12.47
N TYR A 23 11.61 -2.59 11.88
CA TYR A 23 12.86 -2.88 11.20
C TYR A 23 14.03 -3.01 12.17
N THR A 24 13.87 -2.52 13.39
CA THR A 24 14.94 -2.78 14.36
C THR A 24 14.80 -4.17 14.95
N LEU A 25 13.57 -4.61 15.20
CA LEU A 25 13.35 -5.99 15.62
C LEU A 25 13.94 -6.96 14.60
N LEU A 26 13.61 -6.77 13.32
CA LEU A 26 14.16 -7.57 12.22
C LEU A 26 15.69 -7.56 12.16
N ASN A 27 16.34 -6.62 12.85
CA ASN A 27 17.78 -6.66 13.01
C ASN A 27 18.16 -7.49 14.23
N GLN A 28 17.50 -7.18 15.36
CA GLN A 28 17.75 -7.75 16.68
C GLN A 28 17.34 -9.22 16.77
N ALA A 29 16.10 -9.53 16.34
CA ALA A 29 15.58 -10.88 16.44
C ALA A 29 14.42 -11.08 15.47
N PRO A 30 14.69 -11.42 14.21
CA PRO A 30 13.59 -11.55 13.24
C PRO A 30 12.73 -12.79 13.46
N ASP A 31 13.23 -13.79 14.20
CA ASP A 31 12.40 -14.96 14.54
C ASP A 31 11.28 -14.63 15.61
N MET A 32 11.09 -13.35 15.94
CA MET A 32 9.90 -12.90 16.65
C MET A 32 8.96 -12.06 15.80
N LEU A 33 9.38 -11.71 14.58
CA LEU A 33 8.68 -10.70 13.79
C LEU A 33 7.24 -11.09 13.48
N HIS A 34 6.91 -12.38 13.56
CA HIS A 34 5.54 -12.81 13.35
C HIS A 34 4.58 -12.27 14.40
N ARG A 35 5.07 -11.82 15.53
CA ARG A 35 4.15 -11.45 16.59
C ARG A 35 3.51 -10.09 16.37
N PHE A 36 3.95 -9.36 15.33
CA PHE A 36 3.24 -8.16 14.90
C PHE A 36 1.96 -8.50 14.16
N TYR A 37 1.81 -9.74 13.71
CA TYR A 37 0.68 -10.14 12.89
C TYR A 37 -0.36 -10.85 13.73
N GLY A 38 -1.62 -10.74 13.28
CA GLY A 38 -2.70 -11.59 13.75
C GLY A 38 -3.04 -12.61 12.69
N LYS A 39 -4.09 -13.38 12.93
CA LYS A 39 -4.50 -14.22 11.83
C LYS A 39 -5.27 -13.39 10.79
N ASN A 40 -5.39 -13.95 9.59
CA ASN A 40 -5.89 -13.26 8.40
C ASN A 40 -4.88 -12.28 7.84
N SER A 41 -3.60 -12.40 8.19
CA SER A 41 -2.61 -11.40 7.86
C SER A 41 -1.87 -11.75 6.59
N SER A 42 -2.23 -11.08 5.49
CA SER A 42 -1.44 -11.02 4.26
C SER A 42 0.05 -10.85 4.53
N TYR A 43 0.87 -11.46 3.68
CA TYR A 43 2.31 -11.23 3.79
C TYR A 43 3.08 -11.73 2.58
N VAL A 44 3.71 -10.82 1.84
CA VAL A 44 4.76 -11.18 0.88
C VAL A 44 5.92 -10.23 1.06
N HIS A 45 7.14 -10.76 1.00
CA HIS A 45 8.36 -9.99 1.22
C HIS A 45 9.32 -10.29 0.06
N GLY A 46 8.88 -9.88 -1.13
CA GLY A 46 9.73 -9.82 -2.29
C GLY A 46 9.90 -11.18 -2.93
N GLY A 47 11.01 -11.32 -3.67
CA GLY A 47 11.41 -12.60 -4.20
C GLY A 47 10.67 -12.97 -5.47
N LEU A 48 11.20 -13.98 -6.14
CA LEU A 48 10.66 -14.49 -7.38
C LEU A 48 10.31 -15.95 -7.15
N ASP A 49 9.58 -16.54 -8.10
CA ASP A 49 9.26 -17.96 -7.97
C ASP A 49 10.04 -18.81 -8.97
N SER A 50 9.36 -19.80 -9.53
CA SER A 50 10.01 -20.72 -10.47
C SER A 50 10.24 -20.05 -11.82
N ASN A 51 9.16 -19.63 -12.47
CA ASN A 51 9.22 -19.11 -13.83
C ASN A 51 9.47 -17.60 -13.88
N GLY A 52 10.09 -17.05 -12.84
CA GLY A 52 10.57 -15.69 -12.82
C GLY A 52 9.58 -14.65 -12.35
N LYS A 53 8.37 -15.05 -12.00
CA LYS A 53 7.37 -14.06 -11.65
C LYS A 53 7.43 -13.75 -10.15
N PRO A 54 6.83 -12.62 -9.72
CA PRO A 54 6.91 -12.28 -8.29
C PRO A 54 6.13 -13.27 -7.44
N ALA A 55 6.77 -13.71 -6.36
CA ALA A 55 6.18 -14.68 -5.43
C ALA A 55 4.84 -14.23 -4.90
N ASP A 56 4.13 -15.16 -4.29
CA ASP A 56 2.80 -14.84 -3.81
C ASP A 56 2.76 -14.79 -2.29
N ALA A 57 1.61 -14.42 -1.77
CA ALA A 57 1.44 -14.09 -0.36
C ALA A 57 1.24 -15.34 0.51
N VAL A 58 1.44 -15.17 1.81
CA VAL A 58 1.07 -16.14 2.83
C VAL A 58 0.20 -15.42 3.86
N TYR A 59 -0.65 -16.17 4.53
CA TYR A 59 -1.66 -15.60 5.42
C TYR A 59 -1.57 -16.25 6.80
N GLY A 60 -2.00 -15.52 7.82
CA GLY A 60 -2.01 -16.05 9.17
C GLY A 60 -0.69 -16.01 9.91
N GLN A 61 -0.78 -15.80 11.23
CA GLN A 61 0.42 -15.56 12.05
C GLN A 61 1.41 -16.70 11.96
N LYS A 62 0.95 -17.93 11.69
CA LYS A 62 1.81 -19.10 11.74
C LYS A 62 2.48 -19.38 10.39
N GLU A 63 1.75 -19.24 9.28
CA GLU A 63 2.37 -19.39 7.98
C GLU A 63 3.27 -18.20 7.64
N ILE A 64 3.15 -17.10 8.37
CA ILE A 64 4.12 -16.02 8.26
C ILE A 64 5.43 -16.41 8.93
N HIS A 65 5.34 -16.90 10.17
CA HIS A 65 6.53 -17.30 10.90
C HIS A 65 7.36 -18.32 10.13
N ARG A 66 6.71 -19.20 9.34
CA ARG A 66 7.47 -20.06 8.42
C ARG A 66 8.19 -19.29 7.31
N LYS A 67 7.48 -18.49 6.52
CA LYS A 67 8.13 -17.83 5.34
C LYS A 67 9.07 -16.75 5.82
N VAL A 68 8.85 -16.32 7.04
CA VAL A 68 9.80 -15.32 7.57
C VAL A 68 11.15 -15.96 7.85
N MET A 69 11.18 -17.21 8.30
CA MET A 69 12.44 -17.82 8.70
C MET A 69 13.19 -18.50 7.57
N SER A 70 12.52 -18.80 6.44
CA SER A 70 13.23 -19.29 5.25
C SER A 70 14.02 -18.18 4.57
N GLN A 71 13.43 -16.98 4.45
CA GLN A 71 14.27 -15.80 4.32
C GLN A 71 15.12 -15.79 5.56
N ASN A 72 16.37 -16.23 5.48
CA ASN A 72 17.19 -16.28 6.68
C ASN A 72 17.80 -14.90 6.86
N PHE A 73 17.17 -14.08 7.71
CA PHE A 73 17.70 -12.75 7.96
C PHE A 73 18.94 -12.83 8.83
N THR A 74 19.95 -12.04 8.49
CA THR A 74 21.17 -11.99 9.29
C THR A 74 21.76 -10.61 9.16
N ASN A 75 21.87 -9.90 10.28
CA ASN A 75 22.41 -8.53 10.30
C ASN A 75 21.71 -7.67 9.27
N CYS A 76 20.40 -7.55 9.42
CA CYS A 76 19.63 -6.71 8.51
C CYS A 76 19.89 -5.25 8.81
N HIS A 77 20.68 -4.61 7.97
CA HIS A 77 20.91 -3.18 8.08
C HIS A 77 19.95 -2.49 7.12
N THR A 78 19.15 -1.57 7.64
CA THR A 78 18.02 -1.01 6.91
C THR A 78 18.00 0.52 6.98
N LYS A 79 17.57 1.17 5.89
CA LYS A 79 17.51 2.63 5.77
C LYS A 79 16.16 3.06 5.22
N ILE A 80 15.28 3.53 6.10
CA ILE A 80 14.05 4.19 5.67
C ILE A 80 14.38 5.62 5.20
N ARG A 81 14.09 5.86 3.92
CA ARG A 81 14.12 7.20 3.35
C ARG A 81 12.81 7.92 3.53
N HIS A 82 11.70 7.19 3.60
CA HIS A 82 10.39 7.84 3.57
C HIS A 82 9.33 6.96 4.23
N VAL A 83 8.47 7.57 5.03
CA VAL A 83 7.30 6.91 5.60
C VAL A 83 6.13 7.86 5.48
N ASP A 84 4.99 7.33 5.06
CA ASP A 84 3.77 8.12 4.85
C ASP A 84 2.60 7.30 5.36
N ALA A 85 1.79 7.86 6.26
CA ALA A 85 0.75 7.05 6.87
C ALA A 85 -0.50 7.87 7.14
N HIS A 86 -1.66 7.23 6.97
CA HIS A 86 -2.91 7.97 7.04
C HIS A 86 -4.00 7.06 7.59
N ALA A 87 -4.99 7.69 8.22
CA ALA A 87 -6.12 6.93 8.74
C ALA A 87 -6.85 6.26 7.57
N THR A 88 -7.49 5.14 7.88
CA THR A 88 -8.13 4.26 6.91
C THR A 88 -9.54 3.94 7.41
N LEU A 89 -10.26 3.18 6.58
CA LEU A 89 -11.44 2.43 7.00
C LEU A 89 -11.30 1.89 8.41
N ASN A 90 -12.40 1.98 9.19
CA ASN A 90 -12.43 1.61 10.60
C ASN A 90 -11.33 2.33 11.38
N ASP A 91 -10.68 1.65 12.31
CA ASP A 91 -9.69 2.32 13.15
C ASP A 91 -8.27 2.09 12.65
N GLY A 92 -8.10 1.87 11.35
CA GLY A 92 -6.85 1.41 10.80
C GLY A 92 -5.95 2.51 10.26
N VAL A 93 -4.76 2.08 9.86
CA VAL A 93 -3.71 2.93 9.32
C VAL A 93 -3.11 2.20 8.12
N VAL A 94 -2.94 2.89 7.00
CA VAL A 94 -2.17 2.38 5.88
C VAL A 94 -0.83 3.09 5.90
N VAL A 95 0.28 2.32 5.77
CA VAL A 95 1.61 2.91 5.90
C VAL A 95 2.52 2.61 4.73
N GLN A 96 2.34 3.31 3.62
CA GLN A 96 3.34 3.27 2.56
C GLN A 96 4.75 3.53 3.10
N VAL A 97 5.71 2.70 2.70
CA VAL A 97 7.08 2.80 3.18
C VAL A 97 8.02 2.63 2.00
N MET A 98 9.13 3.35 2.00
CA MET A 98 10.13 3.27 0.94
C MET A 98 11.52 3.35 1.53
N GLY A 99 12.41 2.45 1.14
CA GLY A 99 13.75 2.48 1.67
C GLY A 99 14.71 1.44 1.14
N LEU A 100 15.68 1.07 1.95
CA LEU A 100 16.82 0.26 1.55
C LEU A 100 17.04 -0.81 2.60
N LEU A 101 16.94 -2.09 2.21
CA LEU A 101 17.23 -3.20 3.11
C LEU A 101 18.45 -3.97 2.61
N SER A 102 19.23 -4.50 3.55
CA SER A 102 20.45 -5.24 3.29
C SER A 102 20.51 -6.47 4.16
N ASN A 103 20.46 -7.66 3.54
CA ASN A 103 20.52 -8.92 4.25
C ASN A 103 21.86 -9.61 4.02
N ASN A 104 22.34 -10.30 5.06
CA ASN A 104 23.50 -11.19 4.94
C ASN A 104 24.76 -10.48 4.47
N ASN A 105 24.92 -9.22 4.90
CA ASN A 105 26.00 -8.35 4.42
C ASN A 105 26.00 -8.24 2.89
N GLN A 106 24.98 -8.77 2.22
CA GLN A 106 24.79 -8.46 0.82
C GLN A 106 24.38 -6.98 0.69
N ALA A 107 24.40 -6.46 -0.53
CA ALA A 107 24.32 -5.02 -0.70
C ALA A 107 22.89 -4.49 -0.52
N LEU A 108 22.81 -3.16 -0.42
CA LEU A 108 21.54 -2.46 -0.25
C LEU A 108 20.67 -2.59 -1.49
N ARG A 109 19.39 -2.89 -1.28
CA ARG A 109 18.40 -3.00 -2.35
C ARG A 109 17.19 -2.16 -1.98
N ARG A 110 16.70 -1.39 -2.95
CA ARG A 110 15.54 -0.56 -2.75
C ARG A 110 14.27 -1.40 -2.74
N PHE A 111 13.29 -0.96 -1.94
CA PHE A 111 12.02 -1.67 -1.81
C PHE A 111 10.86 -0.69 -1.71
N MET A 112 9.66 -1.18 -2.00
CA MET A 112 8.43 -0.42 -1.91
C MET A 112 7.45 -1.22 -1.06
N GLN A 113 6.95 -0.64 0.02
CA GLN A 113 6.21 -1.38 1.02
C GLN A 113 4.90 -0.68 1.34
N THR A 114 3.86 -1.47 1.60
CA THR A 114 2.61 -0.99 2.19
C THR A 114 2.28 -1.87 3.38
N PHE A 115 1.69 -1.27 4.39
CA PHE A 115 1.12 -2.00 5.53
C PHE A 115 -0.36 -1.70 5.58
N VAL A 116 -1.08 -2.47 6.38
CA VAL A 116 -2.30 -1.97 7.00
C VAL A 116 -2.25 -2.42 8.45
N LEU A 117 -2.23 -1.44 9.36
CA LEU A 117 -2.26 -1.71 10.79
C LEU A 117 -3.70 -1.58 11.27
N ALA A 118 -4.14 -2.55 12.07
CA ALA A 118 -5.54 -2.69 12.43
C ALA A 118 -5.65 -2.86 13.93
N PRO A 119 -6.76 -2.42 14.50
CA PRO A 119 -6.94 -2.59 15.95
C PRO A 119 -7.25 -4.03 16.32
N GLU A 120 -6.99 -4.37 17.59
CA GLU A 120 -7.35 -5.67 18.14
C GLU A 120 -8.49 -5.53 19.15
N VAL A 123 -6.60 -5.39 24.48
CA VAL A 123 -7.08 -4.02 24.55
C VAL A 123 -7.44 -3.60 23.13
N ALA A 124 -8.26 -2.56 22.98
CA ALA A 124 -8.66 -2.10 21.64
C ALA A 124 -7.72 -1.06 21.07
N ASN A 125 -6.86 -0.46 21.90
CA ASN A 125 -5.93 0.57 21.51
C ASN A 125 -4.57 0.02 21.07
N LYS A 126 -4.48 -1.30 20.83
CA LYS A 126 -3.25 -1.90 20.35
C LYS A 126 -3.42 -2.22 18.86
N PHE A 127 -2.31 -2.10 18.12
CA PHE A 127 -2.32 -2.24 16.67
C PHE A 127 -1.57 -3.49 16.24
N TYR A 128 -2.16 -4.27 15.32
CA TYR A 128 -1.47 -5.40 14.72
C TYR A 128 -1.43 -5.22 13.21
N VAL A 129 -0.70 -6.11 12.52
CA VAL A 129 -0.50 -6.04 11.08
C VAL A 129 -1.50 -6.95 10.39
N HIS A 130 -2.44 -6.36 9.63
CA HIS A 130 -3.43 -7.15 8.88
C HIS A 130 -2.96 -7.48 7.47
N ASN A 131 -2.24 -6.57 6.82
CA ASN A 131 -1.62 -6.84 5.54
C ASN A 131 -0.22 -6.26 5.55
N ASP A 132 0.65 -6.84 4.74
CA ASP A 132 2.03 -6.39 4.63
C ASP A 132 2.49 -6.77 3.23
N ILE A 133 2.72 -5.77 2.40
CA ILE A 133 3.16 -5.98 1.02
C ILE A 133 4.55 -5.39 0.88
N PHE A 134 5.53 -6.23 0.57
CA PHE A 134 6.90 -5.77 0.38
C PHE A 134 7.42 -6.31 -0.96
N ARG A 135 8.16 -5.47 -1.67
CA ARG A 135 8.66 -5.80 -2.99
C ARG A 135 9.98 -5.08 -3.21
N TYR A 136 11.04 -5.81 -3.56
CA TYR A 136 12.24 -5.17 -4.06
C TYR A 136 12.06 -4.66 -5.49
N GLN A 137 12.79 -3.59 -5.81
CA GLN A 137 12.66 -3.02 -7.13
C GLN A 137 13.33 -3.88 -8.20
N ASP A 138 14.56 -4.34 -7.94
CA ASP A 138 15.32 -5.08 -8.94
C ASP A 138 14.66 -6.41 -9.38
N GLU A 139 13.70 -6.93 -8.60
CA GLU A 139 12.88 -8.08 -8.99
C GLU A 139 11.63 -7.70 -9.75
N VAL A 140 11.27 -6.43 -9.78
CA VAL A 140 10.10 -5.96 -10.52
C VAL A 140 10.47 -5.01 -11.65
N PHE A 141 11.62 -4.35 -11.58
CA PHE A 141 12.17 -3.51 -12.63
C PHE A 141 13.42 -4.15 -13.29
N MET B 4 -27.69 -15.47 -16.82
CA MET B 4 -27.35 -16.40 -17.90
C MET B 4 -26.02 -17.19 -17.68
N VAL B 5 -24.91 -16.52 -17.34
CA VAL B 5 -23.68 -17.18 -16.91
C VAL B 5 -23.19 -16.47 -15.65
N MET B 6 -22.75 -17.24 -14.65
CA MET B 6 -22.61 -16.70 -13.31
C MET B 6 -21.27 -17.20 -12.78
N GLU B 7 -20.49 -16.33 -12.12
CA GLU B 7 -19.22 -16.74 -11.50
C GLU B 7 -19.03 -16.09 -10.12
N LYS B 8 -17.78 -15.96 -9.68
CA LYS B 8 -17.50 -15.39 -8.35
C LYS B 8 -16.37 -14.38 -8.50
N PRO B 9 -16.16 -13.42 -7.59
CA PRO B 9 -15.13 -12.37 -7.75
C PRO B 9 -13.79 -12.55 -7.01
N SER B 10 -12.87 -11.58 -7.08
CA SER B 10 -11.51 -11.74 -6.48
C SER B 10 -10.85 -10.42 -6.05
N PRO B 11 -10.11 -10.32 -4.94
CA PRO B 11 -9.38 -9.12 -4.59
C PRO B 11 -8.34 -8.71 -5.62
N LEU B 12 -7.35 -9.57 -5.86
CA LEU B 12 -6.34 -9.31 -6.88
C LEU B 12 -6.99 -9.01 -8.22
N LEU B 13 -8.21 -9.48 -8.43
CA LEU B 13 -8.85 -9.16 -9.68
C LEU B 13 -9.47 -7.76 -9.63
N VAL B 14 -10.26 -7.48 -8.59
CA VAL B 14 -10.76 -6.12 -8.35
C VAL B 14 -9.60 -5.13 -8.32
N GLY B 15 -8.55 -5.45 -7.56
CA GLY B 15 -7.40 -4.55 -7.50
C GLY B 15 -6.80 -4.33 -8.87
N ARG B 16 -6.55 -5.44 -9.58
CA ARG B 16 -5.99 -5.33 -10.95
C ARG B 16 -7.01 -4.65 -11.87
N GLU B 17 -8.32 -4.92 -11.70
CA GLU B 17 -9.28 -4.23 -12.55
C GLU B 17 -9.24 -2.74 -12.31
N PHE B 18 -9.25 -2.33 -11.04
CA PHE B 18 -9.32 -0.92 -10.69
C PHE B 18 -8.13 -0.16 -11.26
N VAL B 19 -6.93 -0.64 -10.94
CA VAL B 19 -5.74 -0.03 -11.50
C VAL B 19 -5.94 0.24 -12.97
N ARG B 20 -6.27 -0.79 -13.73
CA ARG B 20 -6.27 -0.60 -15.21
C ARG B 20 -7.02 0.65 -15.51
N GLN B 21 -8.16 0.76 -14.89
CA GLN B 21 -9.10 1.86 -15.15
C GLN B 21 -8.60 3.17 -14.56
N TYR B 22 -8.04 3.11 -13.35
CA TYR B 22 -7.48 4.33 -12.77
C TYR B 22 -6.53 4.99 -13.75
N TYR B 23 -5.52 4.25 -14.22
CA TYR B 23 -4.52 4.83 -15.09
C TYR B 23 -4.94 4.87 -16.55
N THR B 24 -6.12 4.36 -16.91
CA THR B 24 -6.60 4.68 -18.25
C THR B 24 -7.39 5.96 -18.25
N LEU B 25 -8.27 6.18 -17.27
CA LEU B 25 -8.88 7.50 -17.14
C LEU B 25 -7.84 8.58 -16.79
N LEU B 26 -6.74 8.21 -16.12
CA LEU B 26 -5.68 9.17 -15.85
C LEU B 26 -5.14 9.78 -17.13
N ASN B 27 -5.15 9.04 -18.23
CA ASN B 27 -4.74 9.54 -19.55
C ASN B 27 -5.90 10.01 -20.40
N GLN B 28 -7.06 9.37 -20.30
CA GLN B 28 -8.21 9.75 -21.13
C GLN B 28 -8.80 11.08 -20.68
N ALA B 29 -9.01 11.23 -19.34
CA ALA B 29 -9.61 12.42 -18.73
C ALA B 29 -9.21 12.59 -17.27
N PRO B 30 -8.04 13.14 -16.98
CA PRO B 30 -7.69 13.42 -15.57
C PRO B 30 -8.68 14.34 -14.91
N ASP B 31 -9.27 15.26 -15.66
CA ASP B 31 -10.30 16.16 -15.14
C ASP B 31 -11.49 15.39 -14.57
N MET B 32 -11.54 14.08 -14.77
CA MET B 32 -12.56 13.27 -14.13
C MET B 32 -11.98 12.25 -13.18
N LEU B 33 -10.68 12.30 -12.93
CA LEU B 33 -10.09 11.33 -12.02
C LEU B 33 -10.75 11.39 -10.64
N HIS B 34 -11.27 12.55 -10.25
CA HIS B 34 -11.82 12.72 -8.92
C HIS B 34 -13.04 11.84 -8.69
N ARG B 35 -13.86 11.62 -9.72
CA ARG B 35 -15.09 10.86 -9.51
C ARG B 35 -14.81 9.47 -8.95
N PHE B 36 -13.56 9.01 -8.98
CA PHE B 36 -13.22 7.76 -8.32
C PHE B 36 -13.33 7.85 -6.81
N TYR B 37 -13.35 9.01 -6.24
CA TYR B 37 -13.21 9.08 -4.77
C TYR B 37 -14.47 9.57 -4.08
N GLY B 38 -14.66 9.11 -2.88
CA GLY B 38 -15.78 9.54 -2.09
C GLY B 38 -15.37 10.52 -1.01
N LYS B 39 -16.31 10.76 -0.10
CA LYS B 39 -16.13 11.70 0.99
C LYS B 39 -15.17 11.11 2.02
N ASN B 40 -14.36 11.99 2.61
CA ASN B 40 -13.32 11.59 3.56
C ASN B 40 -12.29 10.67 2.93
N SER B 41 -12.00 10.88 1.66
CA SER B 41 -10.91 10.16 1.01
C SER B 41 -9.66 11.03 1.10
N SER B 42 -8.50 10.39 0.99
CA SER B 42 -7.24 11.10 1.12
C SER B 42 -6.52 11.04 -0.22
N TYR B 43 -6.01 12.19 -0.69
CA TYR B 43 -5.20 12.22 -1.90
C TYR B 43 -3.84 12.80 -1.54
N VAL B 44 -2.79 11.98 -1.66
CA VAL B 44 -1.45 12.33 -1.19
C VAL B 44 -0.47 12.15 -2.35
N HIS B 45 -0.14 13.23 -3.07
CA HIS B 45 0.57 13.14 -4.35
C HIS B 45 1.90 13.88 -4.33
N GLY B 46 2.91 13.25 -4.92
CA GLY B 46 4.28 13.75 -4.96
C GLY B 46 5.27 12.71 -5.46
N ALA B 55 5.03 16.53 1.29
CA ALA B 55 3.74 16.66 0.62
C ALA B 55 2.61 16.17 1.53
N ASP B 56 1.48 16.90 1.53
CA ASP B 56 0.40 16.73 2.50
C ASP B 56 -0.86 16.21 1.81
N ALA B 57 -1.89 15.95 2.62
CA ALA B 57 -3.08 15.24 2.19
C ALA B 57 -4.23 16.19 1.90
N VAL B 58 -5.16 15.73 1.05
CA VAL B 58 -6.37 16.49 0.74
C VAL B 58 -7.54 15.51 0.71
N TYR B 59 -8.74 16.05 0.87
CA TYR B 59 -9.86 15.27 1.38
C TYR B 59 -11.11 15.52 0.55
N GLY B 60 -11.60 14.47 -0.11
CA GLY B 60 -12.94 14.48 -0.68
C GLY B 60 -12.99 14.92 -2.12
N GLN B 61 -14.19 14.78 -2.69
CA GLN B 61 -14.42 14.96 -4.12
C GLN B 61 -13.85 16.28 -4.64
N LYS B 62 -14.27 17.40 -4.04
CA LYS B 62 -13.99 18.72 -4.59
C LYS B 62 -12.51 19.10 -4.49
N GLU B 63 -11.85 18.82 -3.35
CA GLU B 63 -10.47 19.25 -3.22
C GLU B 63 -9.55 18.37 -4.07
N ILE B 64 -9.76 17.05 -4.03
CA ILE B 64 -9.01 16.14 -4.89
C ILE B 64 -9.11 16.59 -6.34
N HIS B 65 -10.32 16.92 -6.79
CA HIS B 65 -10.45 17.42 -8.16
C HIS B 65 -9.57 18.64 -8.39
N ARG B 66 -9.46 19.52 -7.39
CA ARG B 66 -8.66 20.71 -7.63
C ARG B 66 -7.18 20.38 -7.59
N LYS B 67 -6.76 19.47 -6.73
CA LYS B 67 -5.32 19.14 -6.74
C LYS B 67 -4.94 18.48 -8.03
N VAL B 68 -5.78 17.56 -8.53
CA VAL B 68 -5.43 16.87 -9.76
C VAL B 68 -5.33 17.87 -10.94
N MET B 69 -6.27 18.81 -11.02
CA MET B 69 -6.17 19.92 -11.97
C MET B 69 -4.79 20.58 -11.94
N SER B 70 -4.42 21.14 -10.78
CA SER B 70 -3.18 21.89 -10.62
C SER B 70 -1.94 21.14 -11.09
N GLN B 71 -1.98 19.81 -11.12
CA GLN B 71 -0.74 19.14 -11.50
C GLN B 71 -0.63 18.98 -13.00
N ASN B 72 -1.55 19.59 -13.74
CA ASN B 72 -1.54 19.64 -15.20
C ASN B 72 -1.10 18.31 -15.79
N PHE B 73 -1.80 17.27 -15.39
CA PHE B 73 -1.70 16.01 -16.09
C PHE B 73 -2.10 16.24 -17.53
N THR B 74 -1.20 15.95 -18.46
CA THR B 74 -1.48 16.12 -19.88
C THR B 74 -0.66 15.06 -20.62
N ASN B 75 -1.36 14.10 -21.23
CA ASN B 75 -0.74 13.02 -21.99
C ASN B 75 0.04 12.06 -21.08
N CYS B 76 -0.53 11.76 -19.91
CA CYS B 76 0.03 10.75 -19.01
C CYS B 76 0.07 9.39 -19.65
N HIS B 77 1.27 8.79 -19.70
CA HIS B 77 1.41 7.39 -20.09
C HIS B 77 1.98 6.60 -18.92
N THR B 78 1.51 5.36 -18.72
CA THR B 78 1.96 4.55 -17.60
C THR B 78 2.40 3.18 -18.09
N LYS B 79 3.45 2.65 -17.48
CA LYS B 79 3.75 1.24 -17.55
C LYS B 79 3.66 0.72 -16.11
N ILE B 80 2.69 -0.15 -15.87
CA ILE B 80 2.54 -0.80 -14.58
C ILE B 80 3.31 -2.10 -14.59
N ARG B 81 4.21 -2.28 -13.62
CA ARG B 81 5.07 -3.46 -13.60
C ARG B 81 4.55 -4.56 -12.67
N HIS B 82 4.01 -4.21 -11.51
CA HIS B 82 3.44 -5.22 -10.63
C HIS B 82 2.31 -4.61 -9.82
N VAL B 83 1.17 -5.31 -9.80
CA VAL B 83 0.03 -4.96 -8.94
C VAL B 83 -0.10 -6.04 -7.87
N ASP B 84 -0.15 -5.60 -6.61
CA ASP B 84 -0.44 -6.44 -5.45
C ASP B 84 -1.77 -5.98 -4.87
N ALA B 85 -2.66 -6.93 -4.55
CA ALA B 85 -3.95 -6.62 -3.96
C ALA B 85 -4.33 -7.70 -2.96
N HIS B 86 -4.98 -7.29 -1.88
CA HIS B 86 -5.35 -8.16 -0.77
C HIS B 86 -6.54 -7.56 -0.05
N ALA B 87 -7.49 -8.41 0.33
CA ALA B 87 -8.66 -7.92 1.05
C ALA B 87 -8.24 -7.35 2.40
N THR B 88 -9.01 -6.39 2.92
CA THR B 88 -8.52 -5.79 4.14
C THR B 88 -9.58 -5.71 5.25
N LEU B 89 -10.12 -4.54 5.61
CA LEU B 89 -10.84 -4.44 6.88
C LEU B 89 -12.32 -4.72 6.62
N ASN B 90 -13.01 -3.75 5.98
CA ASN B 90 -14.43 -3.66 5.68
C ASN B 90 -14.87 -4.65 4.60
N ASP B 91 -14.08 -5.70 4.38
CA ASP B 91 -14.03 -6.31 3.05
C ASP B 91 -13.79 -5.20 2.03
N GLY B 92 -12.87 -4.29 2.38
CA GLY B 92 -12.22 -3.44 1.41
C GLY B 92 -10.96 -4.10 0.90
N VAL B 93 -10.31 -3.44 -0.03
CA VAL B 93 -9.13 -4.00 -0.70
C VAL B 93 -8.01 -2.97 -0.61
N VAL B 94 -6.79 -3.46 -0.33
CA VAL B 94 -5.56 -2.65 -0.33
C VAL B 94 -4.73 -3.06 -1.53
N VAL B 95 -4.31 -2.08 -2.33
CA VAL B 95 -3.55 -2.32 -3.55
C VAL B 95 -2.23 -1.59 -3.42
N GLN B 96 -1.12 -2.28 -3.77
CA GLN B 96 0.14 -1.61 -4.01
C GLN B 96 0.57 -1.85 -5.46
N VAL B 97 0.80 -0.74 -6.18
CA VAL B 97 1.26 -0.74 -7.57
C VAL B 97 2.70 -0.24 -7.61
N MET B 98 3.48 -0.80 -8.55
CA MET B 98 4.83 -0.35 -8.85
C MET B 98 4.93 -0.21 -10.36
N GLY B 99 5.55 0.87 -10.83
CA GLY B 99 5.67 1.04 -12.26
C GLY B 99 6.13 2.44 -12.61
N LEU B 100 5.87 2.84 -13.87
CA LEU B 100 6.37 4.11 -14.39
C LEU B 100 5.25 4.98 -14.93
N LEU B 101 5.35 6.28 -14.68
CA LEU B 101 4.46 7.30 -15.20
C LEU B 101 5.29 8.33 -15.94
N SER B 102 4.73 8.84 -17.03
CA SER B 102 5.25 10.00 -17.74
C SER B 102 4.15 11.05 -17.87
N ASN B 103 4.57 12.30 -17.92
CA ASN B 103 3.61 13.39 -18.02
C ASN B 103 4.19 14.42 -18.99
N ASN B 104 3.30 15.09 -19.71
CA ASN B 104 3.69 16.18 -20.63
C ASN B 104 4.81 15.74 -21.56
N ASN B 105 4.77 14.48 -21.97
CA ASN B 105 5.74 13.93 -22.91
C ASN B 105 7.17 13.98 -22.36
N GLN B 106 7.32 14.08 -21.04
CA GLN B 106 8.65 13.97 -20.46
C GLN B 106 9.08 12.51 -20.43
N ALA B 107 10.05 12.17 -19.58
CA ALA B 107 10.57 10.82 -19.46
C ALA B 107 9.94 10.10 -18.27
N LEU B 108 9.90 8.77 -18.36
CA LEU B 108 9.23 7.94 -17.37
C LEU B 108 9.97 7.97 -16.03
N ARG B 109 9.20 8.05 -14.93
CA ARG B 109 9.73 8.08 -13.57
C ARG B 109 9.12 6.95 -12.78
N ARG B 110 9.96 6.11 -12.15
CA ARG B 110 9.49 4.99 -11.33
C ARG B 110 8.62 5.48 -10.18
N PHE B 111 7.48 4.83 -9.97
CA PHE B 111 6.54 5.28 -8.95
C PHE B 111 5.92 4.11 -8.20
N MET B 112 5.69 4.36 -6.90
CA MET B 112 4.87 3.56 -6.02
C MET B 112 3.53 4.24 -5.77
N GLN B 113 2.43 3.47 -5.76
CA GLN B 113 1.13 4.01 -5.43
C GLN B 113 0.34 3.02 -4.59
N THR B 114 -0.27 3.53 -3.52
CA THR B 114 -1.00 2.70 -2.57
C THR B 114 -2.44 3.13 -2.56
N PHE B 115 -3.34 2.23 -2.94
CA PHE B 115 -4.77 2.47 -2.81
C PHE B 115 -5.37 1.57 -1.74
N VAL B 116 -6.32 2.11 -0.99
CA VAL B 116 -7.23 1.33 -0.17
C VAL B 116 -8.63 1.52 -0.74
N LEU B 117 -9.22 0.44 -1.25
CA LEU B 117 -10.55 0.52 -1.85
C LEU B 117 -11.59 0.03 -0.86
N ALA B 118 -12.75 0.65 -0.89
CA ALA B 118 -13.77 0.49 0.12
C ALA B 118 -15.11 0.48 -0.57
N PRO B 119 -16.07 -0.30 -0.09
CA PRO B 119 -17.35 -0.43 -0.78
C PRO B 119 -18.30 0.71 -0.41
N GLU B 120 -19.08 1.13 -1.40
CA GLU B 120 -20.00 2.26 -1.28
C GLU B 120 -21.30 1.90 -0.56
N VAL B 123 -24.61 0.39 -2.43
CA VAL B 123 -24.73 -0.07 -3.81
C VAL B 123 -24.08 -1.46 -3.95
N ALA B 124 -24.67 -2.30 -4.79
CA ALA B 124 -24.15 -3.64 -5.02
C ALA B 124 -22.89 -3.56 -5.87
N ASN B 125 -21.78 -4.03 -5.31
CA ASN B 125 -20.61 -4.51 -6.07
C ASN B 125 -19.78 -3.36 -6.63
N LYS B 126 -19.73 -2.25 -5.90
CA LYS B 126 -19.23 -1.00 -6.46
C LYS B 126 -18.31 -0.37 -5.43
N PHE B 127 -17.02 -0.26 -5.79
CA PHE B 127 -15.98 0.15 -4.85
C PHE B 127 -15.64 1.62 -5.07
N TYR B 128 -15.15 2.27 -4.01
CA TYR B 128 -14.67 3.65 -4.14
C TYR B 128 -13.37 3.79 -3.39
N VAL B 129 -12.57 4.77 -3.82
CA VAL B 129 -11.20 4.93 -3.33
C VAL B 129 -11.23 5.80 -2.08
N HIS B 130 -10.63 5.31 -1.00
CA HIS B 130 -10.63 6.03 0.28
C HIS B 130 -9.27 6.54 0.71
N ASN B 131 -8.18 5.96 0.20
CA ASN B 131 -6.85 6.43 0.52
C ASN B 131 -5.94 6.23 -0.66
N ASP B 132 -5.17 7.27 -0.98
CA ASP B 132 -4.37 7.30 -2.20
C ASP B 132 -3.05 8.01 -1.88
N ILE B 133 -2.01 7.22 -1.65
CA ILE B 133 -0.65 7.71 -1.43
C ILE B 133 0.15 7.37 -2.67
N PHE B 134 1.04 8.27 -3.09
CA PHE B 134 1.77 8.15 -4.34
C PHE B 134 3.11 8.83 -4.14
N ARG B 135 4.18 8.21 -4.61
CA ARG B 135 5.48 8.89 -4.63
C ARG B 135 6.35 8.28 -5.71
N TYR B 136 7.30 9.10 -6.17
CA TYR B 136 8.28 8.69 -7.15
C TYR B 136 9.55 8.23 -6.44
N GLN B 137 10.23 7.26 -7.06
CA GLN B 137 11.61 6.87 -6.77
C GLN B 137 12.58 8.04 -6.77
N ASP B 138 12.59 8.77 -7.88
CA ASP B 138 13.45 9.95 -8.09
C ASP B 138 13.72 10.79 -6.86
N GLU B 139 12.69 11.17 -6.09
CA GLU B 139 12.86 12.12 -4.99
C GLU B 139 12.66 11.44 -3.63
N VAL B 140 13.12 10.20 -3.51
CA VAL B 140 13.06 9.48 -2.23
C VAL B 140 14.44 8.96 -1.84
N PHE B 141 15.03 8.10 -2.68
CA PHE B 141 16.23 7.34 -2.28
C PHE B 141 17.60 8.03 -2.39
N ILE C 1 3.62 2.68 20.91
CA ILE C 1 4.68 2.12 21.73
C ILE C 1 4.70 0.55 21.62
N THR C 2 3.55 -0.14 21.65
CA THR C 2 3.55 -1.60 21.60
C THR C 2 2.51 -2.15 20.63
N PHE C 3 2.88 -3.24 19.94
CA PHE C 3 2.06 -3.81 18.88
C PHE C 3 1.97 -5.33 19.00
N GLY C 4 0.87 -5.89 18.50
CA GLY C 4 0.78 -7.34 18.37
C GLY C 4 0.71 -8.05 19.70
N ASP C 5 1.44 -9.15 19.82
CA ASP C 5 1.52 -9.97 21.03
C ASP C 5 2.34 -9.33 22.15
N PHE C 6 3.06 -8.25 21.86
CA PHE C 6 4.09 -7.78 22.77
C PHE C 6 3.49 -7.08 23.98
N ASN C 7 4.18 -7.21 25.12
CA ASN C 7 3.70 -6.70 26.39
C ASN C 7 4.60 -5.59 26.89
N ASP C 8 4.06 -4.37 26.96
CA ASP C 8 4.76 -3.25 27.54
C ASP C 8 5.07 -3.58 29.00
N ILE D 1 -15.67 -4.71 -13.11
CA ILE D 1 -16.25 -4.12 -11.92
C ILE D 1 -16.63 -2.67 -12.30
N THR D 2 -17.47 -2.02 -11.49
CA THR D 2 -17.74 -0.59 -11.56
C THR D 2 -17.10 0.08 -10.36
N PHE D 3 -16.63 1.32 -10.54
CA PHE D 3 -15.85 1.98 -9.52
C PHE D 3 -16.34 3.41 -9.29
N GLY D 4 -16.72 3.70 -8.06
CA GLY D 4 -16.85 5.07 -7.59
C GLY D 4 -18.12 5.81 -7.95
N ASP D 5 -18.24 6.19 -9.22
CA ASP D 5 -19.15 7.26 -9.58
C ASP D 5 -19.49 7.14 -11.06
N PHE D 6 -18.85 6.18 -11.72
CA PHE D 6 -18.90 6.07 -13.17
C PHE D 6 -19.97 5.08 -13.58
N ASN D 7 -20.67 5.42 -14.66
CA ASN D 7 -21.62 4.51 -15.29
C ASN D 7 -20.87 3.52 -16.18
N ASP D 8 -21.26 2.26 -16.06
CA ASP D 8 -20.66 1.19 -16.89
C ASP D 8 -20.64 1.65 -18.35
N GLY D 9 -19.47 1.59 -18.98
CA GLY D 9 -19.34 1.96 -20.37
C GLY D 9 -18.30 3.05 -20.52
N GLU D 10 -18.59 4.23 -19.96
CA GLU D 10 -17.64 5.34 -19.96
C GLU D 10 -16.42 5.06 -19.10
N ILE D 11 -16.43 3.95 -18.34
CA ILE D 11 -15.25 3.54 -17.57
C ILE D 11 -14.09 3.24 -18.51
N GLU D 12 -14.38 2.71 -19.70
CA GLU D 12 -13.35 2.37 -20.68
C GLU D 12 -13.64 2.99 -22.06
#